data_1CZY
#
_entry.id   1CZY
#
_cell.length_a   56.200
_cell.length_b   76.800
_cell.length_c   66.900
_cell.angle_alpha   90.00
_cell.angle_beta   93.20
_cell.angle_gamma   90.00
#
_symmetry.space_group_name_H-M   'P 1 21 1'
#
loop_
_entity.id
_entity.type
_entity.pdbx_description
1 polymer 'TUMOR NECROSIS FACTOR RECEPTOR ASSOCIATED PROTEIN 2'
2 polymer 'LATENT MEMBRANE PROTEIN 1'
3 water water
#
loop_
_entity_poly.entity_id
_entity_poly.type
_entity_poly.pdbx_seq_one_letter_code
_entity_poly.pdbx_strand_id
1 'polypeptide(L)'
;AMADLEQKVLEMEASTYDGVFIWKISDFPRKRQEAVAGRIPAIFSPAFYTSRYGYKMCLRIYLNGDGTGRGTHLSLFFVV
MKGPNDALLRWPFNQKVTLMLLDQNNREHVIDAFRPDVTSSSFQRPVNDMNIASGCPLFCPVSKMEAKNSYVRDDAIFIK
AIVDLTGL
;
A,B,C
2 'polypeptide(L)' (ACE)PQQATDD D,E
#
# COMPACT_ATOMS: atom_id res chain seq x y z
N ALA A 1 -4.16 -15.55 -18.45
CA ALA A 1 -5.22 -15.83 -17.44
C ALA A 1 -4.73 -15.50 -16.03
N MET A 2 -5.32 -16.16 -15.04
CA MET A 2 -4.97 -15.95 -13.64
C MET A 2 -3.47 -15.89 -13.40
N ALA A 3 -2.69 -16.35 -14.37
CA ALA A 3 -1.23 -16.34 -14.25
C ALA A 3 -0.70 -14.91 -14.34
N ASP A 4 -1.29 -14.11 -15.22
CA ASP A 4 -0.86 -12.73 -15.39
C ASP A 4 -1.38 -11.84 -14.26
N LEU A 5 -2.56 -12.17 -13.76
CA LEU A 5 -3.15 -11.41 -12.67
C LEU A 5 -2.40 -11.72 -11.38
N GLU A 6 -2.05 -12.99 -11.20
CA GLU A 6 -1.31 -13.40 -10.02
C GLU A 6 0.03 -12.66 -10.03
N GLN A 7 0.63 -12.56 -11.22
CA GLN A 7 1.91 -11.88 -11.37
C GLN A 7 1.81 -10.42 -10.91
N LYS A 8 0.77 -9.73 -11.38
CA LYS A 8 0.56 -8.33 -11.02
C LYS A 8 0.37 -8.19 -9.51
N VAL A 9 -0.38 -9.11 -8.92
CA VAL A 9 -0.64 -9.10 -7.49
C VAL A 9 0.69 -9.25 -6.73
N LEU A 10 1.55 -10.12 -7.23
CA LEU A 10 2.86 -10.35 -6.63
C LEU A 10 3.73 -9.10 -6.62
N GLU A 11 3.73 -8.37 -7.73
CA GLU A 11 4.51 -7.15 -7.83
C GLU A 11 3.96 -6.09 -6.87
N MET A 12 2.65 -5.96 -6.84
CA MET A 12 2.00 -4.98 -5.95
C MET A 12 2.34 -5.26 -4.49
N GLU A 13 2.30 -6.53 -4.12
CA GLU A 13 2.60 -6.96 -2.76
C GLU A 13 4.01 -6.58 -2.29
N ALA A 14 4.95 -6.55 -3.23
CA ALA A 14 6.33 -6.21 -2.89
C ALA A 14 6.66 -4.72 -3.03
N SER A 15 5.82 -3.97 -3.71
CA SER A 15 6.11 -2.55 -3.91
C SER A 15 6.07 -1.65 -2.66
N THR A 16 6.92 -0.63 -2.67
CA THR A 16 6.97 0.34 -1.58
C THR A 16 6.99 1.69 -2.29
N TYR A 17 6.57 2.75 -1.60
CA TYR A 17 6.56 4.07 -2.23
C TYR A 17 7.23 5.15 -1.40
N ASP A 18 8.29 4.78 -0.68
CA ASP A 18 9.03 5.73 0.14
C ASP A 18 10.54 5.62 -0.06
N GLY A 19 10.96 4.99 -1.15
CA GLY A 19 12.36 4.84 -1.45
C GLY A 19 13.14 3.84 -0.60
N VAL A 20 12.44 3.15 0.29
CA VAL A 20 13.08 2.15 1.15
C VAL A 20 12.60 0.77 0.73
N PHE A 21 13.55 -0.12 0.44
CA PHE A 21 13.19 -1.45 0.00
C PHE A 21 14.02 -2.54 0.66
N ILE A 22 13.35 -3.61 1.10
CA ILE A 22 14.03 -4.74 1.70
C ILE A 22 13.65 -5.95 0.85
N TRP A 23 14.67 -6.55 0.25
CA TRP A 23 14.51 -7.70 -0.63
C TRP A 23 14.98 -8.99 0.03
N LYS A 24 14.03 -9.85 0.35
CA LYS A 24 14.36 -11.13 0.98
C LYS A 24 14.57 -12.17 -0.11
N ILE A 25 15.78 -12.71 -0.17
CA ILE A 25 16.12 -13.71 -1.17
C ILE A 25 16.21 -15.08 -0.52
N SER A 26 15.18 -15.90 -0.74
CA SER A 26 15.10 -17.25 -0.20
C SER A 26 15.81 -18.25 -1.12
N ASP A 27 15.88 -19.51 -0.68
CA ASP A 27 16.56 -20.55 -1.46
C ASP A 27 17.94 -20.06 -1.87
N PHE A 28 18.64 -19.42 -0.93
CA PHE A 28 19.96 -18.87 -1.19
C PHE A 28 20.97 -19.87 -1.76
N PRO A 29 21.14 -21.01 -1.07
CA PRO A 29 22.08 -22.03 -1.49
C PRO A 29 21.89 -22.40 -2.96
N ARG A 30 20.65 -22.69 -3.35
CA ARG A 30 20.33 -23.06 -4.72
C ARG A 30 20.67 -21.95 -5.71
N LYS A 31 20.12 -20.76 -5.48
CA LYS A 31 20.38 -19.63 -6.38
C LYS A 31 21.88 -19.32 -6.41
N ARG A 32 22.54 -19.54 -5.29
CA ARG A 32 23.97 -19.28 -5.18
C ARG A 32 24.72 -20.23 -6.11
N GLN A 33 24.32 -21.50 -6.13
CA GLN A 33 24.95 -22.48 -7.01
C GLN A 33 24.70 -22.19 -8.48
N GLU A 34 23.46 -21.80 -8.79
CA GLU A 34 23.10 -21.50 -10.17
C GLU A 34 23.99 -20.39 -10.72
N ALA A 35 24.38 -19.47 -9.84
CA ALA A 35 25.24 -18.37 -10.22
C ALA A 35 26.66 -18.89 -10.43
N VAL A 36 27.17 -19.62 -9.45
CA VAL A 36 28.52 -20.17 -9.54
C VAL A 36 28.67 -21.05 -10.78
N ALA A 37 27.61 -21.77 -11.14
CA ALA A 37 27.63 -22.64 -12.31
C ALA A 37 27.59 -21.85 -13.61
N GLY A 38 27.18 -20.59 -13.50
CA GLY A 38 27.12 -19.75 -14.68
C GLY A 38 25.79 -19.85 -15.41
N ARG A 39 24.84 -20.59 -14.82
CA ARG A 39 23.54 -20.75 -15.46
C ARG A 39 22.70 -19.49 -15.28
N ILE A 40 22.60 -18.99 -14.04
CA ILE A 40 21.83 -17.79 -13.76
C ILE A 40 22.69 -16.81 -12.97
N PRO A 41 23.55 -16.07 -13.67
CA PRO A 41 24.44 -15.11 -13.03
C PRO A 41 23.75 -14.02 -12.21
N ALA A 42 22.63 -13.51 -12.70
CA ALA A 42 21.94 -12.44 -11.98
C ALA A 42 20.47 -12.71 -11.67
N ILE A 43 19.93 -11.87 -10.78
CA ILE A 43 18.54 -11.93 -10.36
C ILE A 43 18.06 -10.49 -10.19
N PHE A 44 16.88 -10.17 -10.73
CA PHE A 44 16.31 -8.83 -10.57
C PHE A 44 15.28 -8.91 -9.45
N SER A 45 15.08 -7.81 -8.73
CA SER A 45 14.12 -7.77 -7.63
C SER A 45 12.83 -7.10 -8.08
N PRO A 46 11.77 -7.20 -7.26
CA PRO A 46 10.49 -6.57 -7.60
C PRO A 46 10.76 -5.04 -7.62
N ALA A 47 9.85 -4.28 -8.21
CA ALA A 47 10.01 -2.83 -8.30
C ALA A 47 9.50 -2.08 -7.08
N PHE A 48 10.10 -0.91 -6.83
CA PHE A 48 9.68 -0.04 -5.73
C PHE A 48 9.79 1.40 -6.23
N TYR A 49 9.29 2.35 -5.45
CA TYR A 49 9.28 3.76 -5.88
C TYR A 49 9.71 4.77 -4.83
N THR A 50 10.11 5.95 -5.29
CA THR A 50 10.54 7.03 -4.41
C THR A 50 9.34 7.69 -3.73
N SER A 51 8.19 7.63 -4.40
CA SER A 51 6.96 8.20 -3.88
C SER A 51 5.80 7.54 -4.62
N ARG A 52 4.57 7.84 -4.22
CA ARG A 52 3.41 7.23 -4.85
C ARG A 52 3.47 7.36 -6.36
N TYR A 53 3.95 8.48 -6.86
CA TYR A 53 4.08 8.70 -8.30
C TYR A 53 5.52 9.09 -8.65
N GLY A 54 6.48 8.47 -7.98
CA GLY A 54 7.87 8.80 -8.24
C GLY A 54 8.58 7.89 -9.22
N TYR A 55 9.91 7.82 -9.10
CA TYR A 55 10.71 6.98 -9.99
C TYR A 55 10.45 5.51 -9.67
N LYS A 56 10.53 4.68 -10.70
CA LYS A 56 10.33 3.23 -10.53
C LYS A 56 11.75 2.65 -10.60
N MET A 57 12.06 1.77 -9.65
CA MET A 57 13.40 1.20 -9.55
C MET A 57 13.37 -0.25 -9.11
N CYS A 58 14.51 -0.92 -9.22
CA CYS A 58 14.63 -2.30 -8.75
C CYS A 58 16.10 -2.59 -8.56
N LEU A 59 16.41 -3.72 -7.95
CA LEU A 59 17.79 -4.09 -7.70
C LEU A 59 18.17 -5.28 -8.54
N ARG A 60 19.47 -5.42 -8.78
CA ARG A 60 19.98 -6.52 -9.56
C ARG A 60 21.21 -7.05 -8.82
N ILE A 61 21.20 -8.33 -8.50
CA ILE A 61 22.28 -8.91 -7.74
C ILE A 61 22.93 -10.09 -8.46
N TYR A 62 24.22 -10.30 -8.20
CA TYR A 62 24.97 -11.42 -8.77
C TYR A 62 25.56 -12.15 -7.56
N LEU A 63 24.99 -13.29 -7.22
CA LEU A 63 25.46 -14.02 -6.06
C LEU A 63 26.89 -14.53 -6.18
N ASN A 64 27.43 -14.54 -7.39
CA ASN A 64 28.82 -14.94 -7.59
C ASN A 64 29.59 -13.87 -8.35
N GLY A 65 29.10 -12.64 -8.24
CA GLY A 65 29.76 -11.50 -8.86
C GLY A 65 29.63 -11.24 -10.34
N ASP A 66 29.96 -9.99 -10.70
CA ASP A 66 29.93 -9.50 -12.06
C ASP A 66 31.14 -8.63 -12.30
N GLY A 67 31.65 -8.64 -13.53
CA GLY A 67 32.80 -7.82 -13.89
C GLY A 67 34.02 -8.02 -13.00
N THR A 68 34.48 -6.94 -12.39
CA THR A 68 35.64 -6.98 -11.52
C THR A 68 35.45 -7.88 -10.30
N GLY A 69 34.20 -8.16 -9.93
CA GLY A 69 33.94 -8.99 -8.77
C GLY A 69 33.53 -10.41 -9.10
N ARG A 70 33.58 -10.78 -10.37
CA ARG A 70 33.19 -12.12 -10.79
C ARG A 70 33.98 -13.22 -10.09
N GLY A 71 33.25 -14.10 -9.38
CA GLY A 71 33.86 -15.22 -8.68
C GLY A 71 34.45 -14.94 -7.32
N THR A 72 34.57 -13.67 -6.94
CA THR A 72 35.16 -13.32 -5.66
C THR A 72 34.23 -12.49 -4.79
N HIS A 73 33.26 -11.82 -5.40
CA HIS A 73 32.34 -10.96 -4.68
C HIS A 73 30.87 -11.10 -5.01
N LEU A 74 30.05 -10.62 -4.09
CA LEU A 74 28.61 -10.55 -4.26
C LEU A 74 28.56 -9.17 -4.91
N SER A 75 27.95 -9.07 -6.09
CA SER A 75 27.85 -7.79 -6.78
C SER A 75 26.40 -7.32 -6.69
N LEU A 76 26.20 -6.07 -6.32
CA LEU A 76 24.84 -5.54 -6.17
C LEU A 76 24.66 -4.25 -6.96
N PHE A 77 23.62 -4.19 -7.77
CA PHE A 77 23.38 -2.99 -8.57
C PHE A 77 21.98 -2.39 -8.40
N PHE A 78 21.87 -1.12 -8.77
CA PHE A 78 20.65 -0.34 -8.71
C PHE A 78 20.12 -0.23 -10.15
N VAL A 79 18.81 -0.23 -10.33
CA VAL A 79 18.23 -0.14 -11.67
C VAL A 79 17.09 0.87 -11.78
N VAL A 80 17.19 1.77 -12.73
CA VAL A 80 16.14 2.74 -12.97
C VAL A 80 15.25 2.10 -14.03
N MET A 81 13.96 1.98 -13.74
CA MET A 81 13.02 1.38 -14.68
C MET A 81 12.07 2.42 -15.28
N LYS A 82 11.46 2.05 -16.40
CA LYS A 82 10.51 2.95 -17.03
C LYS A 82 9.30 3.00 -16.10
N GLY A 83 9.05 4.18 -15.54
CA GLY A 83 7.92 4.35 -14.64
C GLY A 83 6.72 4.97 -15.34
N PRO A 84 5.52 4.82 -14.77
CA PRO A 84 4.26 5.34 -15.33
C PRO A 84 4.22 6.87 -15.40
N ASN A 85 4.97 7.51 -14.53
CA ASN A 85 4.98 8.97 -14.45
C ASN A 85 6.30 9.62 -14.81
N ASP A 86 7.16 8.91 -15.54
CA ASP A 86 8.46 9.45 -15.90
C ASP A 86 8.39 10.83 -16.56
N ALA A 87 7.29 11.11 -17.27
CA ALA A 87 7.12 12.40 -17.94
C ALA A 87 7.03 13.57 -16.96
N LEU A 88 6.62 13.30 -15.73
CA LEU A 88 6.50 14.35 -14.74
C LEU A 88 7.75 14.50 -13.88
N LEU A 89 8.68 13.58 -14.05
CA LEU A 89 9.90 13.55 -13.25
C LEU A 89 11.10 14.23 -13.89
N ARG A 90 12.03 14.65 -13.05
CA ARG A 90 13.24 15.31 -13.51
C ARG A 90 14.26 14.28 -13.93
N TRP A 91 14.95 14.54 -15.03
CA TRP A 91 15.98 13.63 -15.50
C TRP A 91 17.25 14.43 -15.80
N PRO A 92 18.42 13.80 -15.65
CA PRO A 92 18.61 12.39 -15.24
C PRO A 92 18.35 12.17 -13.75
N PHE A 93 18.22 10.90 -13.36
CA PHE A 93 17.99 10.52 -11.97
C PHE A 93 19.22 10.98 -11.19
N ASN A 94 19.01 11.69 -10.08
CA ASN A 94 20.13 12.23 -9.32
C ASN A 94 19.95 12.14 -7.80
N GLN A 95 19.48 11.00 -7.31
CA GLN A 95 19.28 10.82 -5.87
C GLN A 95 20.36 9.87 -5.35
N LYS A 96 20.84 10.12 -4.14
CA LYS A 96 21.84 9.26 -3.56
C LYS A 96 21.19 7.91 -3.26
N VAL A 97 21.94 6.83 -3.47
CA VAL A 97 21.45 5.49 -3.24
C VAL A 97 22.35 4.74 -2.26
N THR A 98 21.74 4.15 -1.25
CA THR A 98 22.47 3.37 -0.25
C THR A 98 22.04 1.91 -0.36
N LEU A 99 23.02 1.01 -0.43
CA LEU A 99 22.76 -0.42 -0.56
C LEU A 99 23.33 -1.17 0.64
N MET A 100 22.60 -2.17 1.12
CA MET A 100 23.03 -2.94 2.28
C MET A 100 22.74 -4.43 2.22
N LEU A 101 23.63 -5.21 2.83
CA LEU A 101 23.46 -6.64 2.98
C LEU A 101 23.26 -6.69 4.49
N LEU A 102 22.06 -7.06 4.92
CA LEU A 102 21.74 -7.08 6.35
C LEU A 102 22.30 -8.23 7.17
N ASP A 103 22.93 -7.86 8.27
CA ASP A 103 23.48 -8.84 9.22
C ASP A 103 22.28 -9.28 10.03
N GLN A 104 21.96 -10.56 10.02
CA GLN A 104 20.79 -11.02 10.75
C GLN A 104 21.02 -11.16 12.26
N ASN A 105 22.14 -10.61 12.72
CA ASN A 105 22.47 -10.55 14.13
C ASN A 105 22.30 -9.07 14.45
N ASN A 106 21.94 -8.32 13.41
CA ASN A 106 21.70 -6.89 13.46
C ASN A 106 22.95 -6.11 13.89
N ARG A 107 24.10 -6.76 13.76
CA ARG A 107 25.35 -6.15 14.14
C ARG A 107 26.06 -5.41 13.01
N GLU A 108 26.91 -6.12 12.28
CA GLU A 108 27.68 -5.52 11.19
C GLU A 108 27.07 -5.63 9.80
N HIS A 109 26.23 -4.65 9.43
CA HIS A 109 25.64 -4.66 8.09
C HIS A 109 26.69 -4.22 7.09
N VAL A 110 26.64 -4.80 5.89
CA VAL A 110 27.58 -4.41 4.84
C VAL A 110 26.86 -3.26 4.16
N ILE A 111 27.52 -2.11 4.05
CA ILE A 111 26.89 -0.95 3.45
C ILE A 111 27.79 -0.18 2.50
N ASP A 112 27.15 0.46 1.52
CA ASP A 112 27.87 1.27 0.56
C ASP A 112 26.85 2.27 0.03
N ALA A 113 27.34 3.32 -0.60
CA ALA A 113 26.45 4.32 -1.16
C ALA A 113 27.10 5.03 -2.32
N PHE A 114 26.28 5.64 -3.15
CA PHE A 114 26.80 6.35 -4.30
C PHE A 114 25.78 7.37 -4.78
N ARG A 115 26.28 8.37 -5.49
CA ARG A 115 25.43 9.38 -6.08
C ARG A 115 25.57 9.08 -7.56
N PRO A 116 24.45 9.12 -8.30
CA PRO A 116 24.44 8.85 -9.73
C PRO A 116 25.40 9.67 -10.58
N ASP A 117 25.87 9.06 -11.66
CA ASP A 117 26.74 9.75 -12.60
C ASP A 117 25.77 10.28 -13.65
N VAL A 118 25.44 11.56 -13.52
CA VAL A 118 24.50 12.25 -14.39
C VAL A 118 24.72 12.06 -15.89
N THR A 119 25.91 11.64 -16.29
CA THR A 119 26.20 11.44 -17.71
C THR A 119 26.11 9.99 -18.15
N SER A 120 25.83 9.09 -17.21
CA SER A 120 25.71 7.68 -17.54
C SER A 120 24.34 7.34 -18.09
N SER A 121 24.30 6.42 -19.03
CA SER A 121 23.03 6.00 -19.63
C SER A 121 22.16 5.34 -18.57
N SER A 122 22.77 4.91 -17.47
CA SER A 122 22.03 4.26 -16.39
C SER A 122 21.02 5.18 -15.70
N PHE A 123 21.24 6.49 -15.77
CA PHE A 123 20.34 7.40 -15.08
C PHE A 123 19.53 8.34 -15.95
N GLN A 124 19.55 8.12 -17.25
CA GLN A 124 18.78 8.95 -18.18
C GLN A 124 17.35 8.41 -18.20
N ARG A 125 16.41 9.19 -18.71
CA ARG A 125 15.02 8.72 -18.74
C ARG A 125 14.98 7.43 -19.54
N PRO A 126 14.39 6.38 -18.96
CA PRO A 126 14.26 5.08 -19.61
C PRO A 126 13.51 5.07 -20.93
N VAL A 127 14.07 4.36 -21.90
CA VAL A 127 13.45 4.18 -23.21
C VAL A 127 12.95 2.74 -23.22
N ASN A 128 13.65 1.90 -22.46
CA ASN A 128 13.32 0.48 -22.34
C ASN A 128 12.79 0.20 -20.92
N ASP A 129 12.34 -1.02 -20.68
CA ASP A 129 11.79 -1.40 -19.37
C ASP A 129 12.80 -1.17 -18.25
N MET A 130 14.06 -1.47 -18.52
CA MET A 130 15.14 -1.29 -17.55
C MET A 130 16.36 -0.63 -18.18
N ASN A 131 16.94 0.34 -17.48
CA ASN A 131 18.17 0.97 -17.96
C ASN A 131 19.27 0.00 -17.54
N ILE A 132 20.50 0.26 -17.98
CA ILE A 132 21.63 -0.57 -17.61
C ILE A 132 21.77 -0.42 -16.10
N ALA A 133 22.01 -1.52 -15.40
CA ALA A 133 22.16 -1.46 -13.95
C ALA A 133 23.51 -0.84 -13.60
N SER A 134 23.53 -0.08 -12.51
CA SER A 134 24.77 0.55 -12.09
C SER A 134 24.89 0.42 -10.58
N GLY A 135 26.10 0.20 -10.11
CA GLY A 135 26.29 0.05 -8.68
C GLY A 135 27.63 -0.40 -8.17
N CYS A 136 27.61 -1.47 -7.38
CA CYS A 136 28.79 -1.99 -6.71
C CYS A 136 29.24 -3.41 -7.07
N PRO A 137 30.13 -3.53 -8.07
CA PRO A 137 30.61 -4.86 -8.48
C PRO A 137 31.37 -5.59 -7.36
N LEU A 138 31.98 -4.83 -6.46
CA LEU A 138 32.73 -5.40 -5.35
C LEU A 138 32.02 -5.09 -4.03
N PHE A 139 30.70 -5.27 -4.01
CA PHE A 139 29.90 -4.97 -2.83
C PHE A 139 30.31 -5.74 -1.57
N CYS A 140 30.49 -7.05 -1.70
CA CYS A 140 30.86 -7.86 -0.54
C CYS A 140 31.59 -9.15 -0.93
N PRO A 141 32.74 -9.42 -0.29
CA PRO A 141 33.50 -10.63 -0.59
C PRO A 141 32.65 -11.87 -0.31
N VAL A 142 32.68 -12.84 -1.22
CA VAL A 142 31.90 -14.05 -1.04
C VAL A 142 32.21 -14.68 0.31
N SER A 143 33.48 -14.65 0.70
CA SER A 143 33.89 -15.22 1.98
C SER A 143 33.17 -14.54 3.14
N LYS A 144 32.89 -13.26 3.00
CA LYS A 144 32.21 -12.54 4.07
C LYS A 144 30.74 -12.96 4.20
N MET A 145 30.04 -13.10 3.07
CA MET A 145 28.65 -13.53 3.14
C MET A 145 28.61 -15.06 3.05
N GLU A 146 27.88 -15.58 2.06
CA GLU A 146 27.74 -17.01 1.80
C GLU A 146 28.36 -17.92 2.87
N ALA A 147 29.68 -17.91 2.93
CA ALA A 147 30.42 -18.71 3.90
C ALA A 147 29.65 -18.94 5.19
N LYS A 148 29.69 -17.95 6.09
CA LYS A 148 28.98 -18.07 7.35
C LYS A 148 28.45 -16.72 7.80
N ASN A 149 28.92 -16.28 8.97
CA ASN A 149 28.50 -15.00 9.51
C ASN A 149 26.99 -15.00 9.71
N SER A 150 26.43 -13.83 9.97
CA SER A 150 25.01 -13.73 10.19
C SER A 150 24.27 -13.12 9.00
N TYR A 151 24.88 -13.17 7.83
CA TYR A 151 24.23 -12.63 6.64
C TYR A 151 23.27 -13.67 6.08
N VAL A 152 23.72 -14.92 6.05
CA VAL A 152 22.89 -16.02 5.57
C VAL A 152 22.34 -16.75 6.79
N ARG A 153 21.02 -16.82 6.91
CA ARG A 153 20.39 -17.52 8.02
C ARG A 153 19.13 -18.19 7.51
N ASP A 154 18.97 -19.47 7.84
CA ASP A 154 17.83 -20.24 7.38
C ASP A 154 17.69 -20.14 5.86
N ASP A 155 18.84 -20.26 5.20
CA ASP A 155 18.96 -20.23 3.74
C ASP A 155 18.32 -19.01 3.06
N ALA A 156 18.57 -17.84 3.61
CA ALA A 156 18.03 -16.61 3.04
C ALA A 156 18.89 -15.42 3.43
N ILE A 157 18.84 -14.38 2.62
CA ILE A 157 19.59 -13.16 2.93
C ILE A 157 18.64 -12.00 2.70
N PHE A 158 18.96 -10.85 3.30
CA PHE A 158 18.15 -9.66 3.13
C PHE A 158 18.99 -8.52 2.57
N ILE A 159 18.52 -7.92 1.51
CA ILE A 159 19.22 -6.80 0.88
C ILE A 159 18.34 -5.59 1.12
N LYS A 160 18.94 -4.46 1.46
CA LYS A 160 18.18 -3.26 1.71
C LYS A 160 18.70 -2.09 0.88
N ALA A 161 17.78 -1.33 0.30
CA ALA A 161 18.15 -0.18 -0.49
C ALA A 161 17.41 1.03 0.08
N ILE A 162 18.12 2.16 0.17
CA ILE A 162 17.54 3.40 0.66
C ILE A 162 17.87 4.48 -0.34
N VAL A 163 16.83 5.04 -0.97
CA VAL A 163 17.01 6.09 -1.96
C VAL A 163 16.71 7.41 -1.26
N ASP A 164 17.72 8.27 -1.16
CA ASP A 164 17.57 9.57 -0.51
C ASP A 164 16.54 10.38 -1.28
N LEU A 165 15.61 10.99 -0.55
CA LEU A 165 14.53 11.76 -1.16
C LEU A 165 14.72 13.28 -1.15
N THR A 166 15.96 13.72 -0.96
CA THR A 166 16.23 15.16 -0.96
C THR A 166 15.85 15.78 -2.30
N GLY A 167 15.00 16.80 -2.25
CA GLY A 167 14.57 17.46 -3.49
C GLY A 167 13.33 16.85 -4.09
N LEU A 168 12.82 15.80 -3.47
CA LEU A 168 11.62 15.12 -3.96
C LEU A 168 10.46 15.32 -3.00
N ALA B 1 -17.10 -13.04 -12.01
CA ALA B 1 -16.21 -13.24 -10.82
C ALA B 1 -14.78 -12.85 -11.17
N MET B 2 -14.23 -13.49 -12.20
CA MET B 2 -12.86 -13.20 -12.64
C MET B 2 -12.73 -11.73 -12.99
N ALA B 3 -13.77 -11.16 -13.58
CA ALA B 3 -13.77 -9.76 -13.97
C ALA B 3 -13.64 -8.86 -12.75
N ASP B 4 -14.52 -9.07 -11.77
CA ASP B 4 -14.53 -8.29 -10.54
C ASP B 4 -13.17 -8.36 -9.83
N LEU B 5 -12.57 -9.55 -9.82
CA LEU B 5 -11.27 -9.73 -9.18
C LEU B 5 -10.23 -8.86 -9.86
N GLU B 6 -10.25 -8.83 -11.20
CA GLU B 6 -9.30 -8.03 -11.95
C GLU B 6 -9.62 -6.55 -11.71
N GLN B 7 -10.90 -6.24 -11.55
CA GLN B 7 -11.32 -4.86 -11.31
C GLN B 7 -10.84 -4.40 -9.94
N LYS B 8 -10.91 -5.30 -8.97
CA LYS B 8 -10.48 -4.98 -7.61
C LYS B 8 -8.98 -4.72 -7.59
N VAL B 9 -8.23 -5.52 -8.34
CA VAL B 9 -6.79 -5.39 -8.42
C VAL B 9 -6.40 -4.05 -9.04
N LEU B 10 -7.08 -3.68 -10.12
CA LEU B 10 -6.81 -2.41 -10.79
C LEU B 10 -7.10 -1.21 -9.89
N GLU B 11 -8.17 -1.29 -9.11
CA GLU B 11 -8.53 -0.20 -8.21
C GLU B 11 -7.50 -0.08 -7.09
N MET B 12 -7.06 -1.21 -6.55
CA MET B 12 -6.07 -1.23 -5.47
C MET B 12 -4.74 -0.63 -5.93
N GLU B 13 -4.32 -0.99 -7.13
CA GLU B 13 -3.07 -0.48 -7.71
C GLU B 13 -3.09 1.04 -7.94
N ALA B 14 -4.28 1.62 -8.08
CA ALA B 14 -4.38 3.05 -8.31
C ALA B 14 -4.71 3.86 -7.06
N SER B 15 -5.19 3.19 -6.02
CA SER B 15 -5.57 3.87 -4.78
C SER B 15 -4.44 4.61 -4.05
N THR B 16 -4.82 5.72 -3.42
CA THR B 16 -3.90 6.53 -2.61
C THR B 16 -4.71 6.83 -1.35
N TYR B 17 -4.04 7.10 -0.24
CA TYR B 17 -4.73 7.39 1.00
C TYR B 17 -4.27 8.66 1.70
N ASP B 18 -3.94 9.69 0.92
CA ASP B 18 -3.51 10.95 1.50
C ASP B 18 -4.17 12.13 0.79
N GLY B 19 -5.29 11.86 0.13
CA GLY B 19 -6.03 12.91 -0.56
C GLY B 19 -5.37 13.50 -1.80
N VAL B 20 -4.27 12.91 -2.23
CA VAL B 20 -3.57 13.37 -3.42
C VAL B 20 -3.66 12.27 -4.47
N PHE B 21 -4.13 12.62 -5.66
CA PHE B 21 -4.29 11.64 -6.72
C PHE B 21 -3.81 12.21 -8.05
N ILE B 22 -3.10 11.38 -8.81
CA ILE B 22 -2.65 11.78 -10.13
C ILE B 22 -3.24 10.75 -11.07
N TRP B 23 -4.04 11.22 -12.01
CA TRP B 23 -4.74 10.38 -12.95
C TRP B 23 -4.16 10.50 -14.35
N LYS B 24 -3.48 9.45 -14.78
CA LYS B 24 -2.88 9.44 -16.10
C LYS B 24 -3.90 8.86 -17.08
N ILE B 25 -4.28 9.66 -18.07
CA ILE B 25 -5.23 9.22 -19.06
C ILE B 25 -4.51 8.96 -20.37
N SER B 26 -4.31 7.67 -20.66
CA SER B 26 -3.64 7.23 -21.89
C SER B 26 -4.63 7.12 -23.05
N ASP B 27 -4.11 6.88 -24.26
CA ASP B 27 -4.95 6.78 -25.46
C ASP B 27 -5.84 8.00 -25.56
N PHE B 28 -5.27 9.15 -25.21
CA PHE B 28 -5.98 10.41 -25.21
C PHE B 28 -6.73 10.72 -26.51
N PRO B 29 -6.04 10.60 -27.63
CA PRO B 29 -6.64 10.90 -28.94
C PRO B 29 -7.91 10.09 -29.16
N ARG B 30 -7.84 8.79 -28.89
CA ARG B 30 -8.98 7.89 -29.06
C ARG B 30 -10.15 8.28 -28.16
N LYS B 31 -9.88 8.39 -26.85
CA LYS B 31 -10.93 8.72 -25.90
C LYS B 31 -11.48 10.11 -26.20
N ARG B 32 -10.62 10.98 -26.69
CA ARG B 32 -11.03 12.33 -27.03
C ARG B 32 -12.03 12.29 -28.17
N GLN B 33 -11.80 11.42 -29.14
CA GLN B 33 -12.71 11.30 -30.27
C GLN B 33 -14.03 10.66 -29.84
N GLU B 34 -13.94 9.65 -28.99
CA GLU B 34 -15.12 8.96 -28.50
C GLU B 34 -16.05 9.94 -27.80
N ALA B 35 -15.47 10.98 -27.22
CA ALA B 35 -16.23 12.01 -26.53
C ALA B 35 -16.86 12.94 -27.56
N VAL B 36 -16.04 13.42 -28.49
CA VAL B 36 -16.50 14.33 -29.53
C VAL B 36 -17.62 13.71 -30.36
N ALA B 37 -17.56 12.39 -30.55
CA ALA B 37 -18.56 11.67 -31.32
C ALA B 37 -19.81 11.42 -30.48
N GLY B 38 -19.70 11.61 -29.17
CA GLY B 38 -20.83 11.41 -28.28
C GLY B 38 -21.03 9.97 -27.82
N ARG B 39 -20.12 9.08 -28.20
CA ARG B 39 -20.25 7.69 -27.81
C ARG B 39 -19.92 7.48 -26.33
N ILE B 40 -18.86 8.15 -25.87
CA ILE B 40 -18.44 8.05 -24.48
C ILE B 40 -18.17 9.46 -23.99
N PRO B 41 -19.21 10.17 -23.54
CA PRO B 41 -19.11 11.53 -23.04
C PRO B 41 -18.16 11.76 -21.87
N ALA B 42 -18.19 10.86 -20.91
CA ALA B 42 -17.35 10.99 -19.72
C ALA B 42 -16.63 9.73 -19.30
N ILE B 43 -15.62 9.90 -18.45
CA ILE B 43 -14.81 8.79 -17.94
C ILE B 43 -14.62 8.99 -16.43
N PHE B 44 -14.72 7.92 -15.66
CA PHE B 44 -14.49 8.00 -14.22
C PHE B 44 -13.06 7.53 -13.98
N SER B 45 -12.41 8.07 -12.95
CA SER B 45 -11.06 7.67 -12.61
C SER B 45 -11.19 6.64 -11.50
N PRO B 46 -10.08 5.95 -11.16
CA PRO B 46 -10.15 4.97 -10.07
C PRO B 46 -10.39 5.76 -8.80
N ALA B 47 -10.69 5.08 -7.70
CA ALA B 47 -10.97 5.73 -6.43
C ALA B 47 -9.73 6.04 -5.59
N PHE B 48 -9.83 7.04 -4.72
CA PHE B 48 -8.74 7.39 -3.82
C PHE B 48 -9.35 7.87 -2.50
N TYR B 49 -8.54 7.98 -1.45
CA TYR B 49 -9.06 8.35 -0.14
C TYR B 49 -8.32 9.49 0.57
N THR B 50 -8.98 10.10 1.55
CA THR B 50 -8.39 11.19 2.32
C THR B 50 -7.45 10.66 3.41
N SER B 51 -7.63 9.42 3.81
CA SER B 51 -6.80 8.75 4.82
C SER B 51 -7.04 7.25 4.67
N ARG B 52 -6.26 6.43 5.37
CA ARG B 52 -6.41 4.98 5.24
C ARG B 52 -7.87 4.53 5.39
N TYR B 53 -8.60 5.19 6.29
CA TYR B 53 -10.01 4.87 6.50
C TYR B 53 -10.88 6.12 6.35
N GLY B 54 -10.51 6.97 5.39
CA GLY B 54 -11.24 8.20 5.18
C GLY B 54 -12.32 8.12 4.11
N TYR B 55 -12.66 9.28 3.55
CA TYR B 55 -13.68 9.35 2.52
C TYR B 55 -13.17 8.70 1.24
N LYS B 56 -14.09 8.09 0.50
CA LYS B 56 -13.73 7.47 -0.77
C LYS B 56 -14.19 8.46 -1.83
N MET B 57 -13.34 8.72 -2.82
CA MET B 57 -13.62 9.69 -3.87
C MET B 57 -13.08 9.25 -5.22
N CYS B 58 -13.53 9.90 -6.29
CA CYS B 58 -13.00 9.62 -7.63
C CYS B 58 -13.25 10.86 -8.45
N LEU B 59 -12.74 10.88 -9.68
CA LEU B 59 -12.93 12.03 -10.55
C LEU B 59 -13.76 11.62 -11.76
N ARG B 60 -14.35 12.59 -12.42
CA ARG B 60 -15.17 12.35 -13.60
C ARG B 60 -14.88 13.49 -14.57
N ILE B 61 -14.48 13.13 -15.79
CA ILE B 61 -14.13 14.14 -16.76
C ILE B 61 -14.83 13.95 -18.10
N TYR B 62 -15.12 15.06 -18.77
CA TYR B 62 -15.74 15.04 -20.09
C TYR B 62 -14.70 15.65 -21.01
N LEU B 63 -14.05 14.82 -21.83
CA LEU B 63 -13.01 15.33 -22.72
C LEU B 63 -13.51 16.31 -23.76
N ASN B 64 -14.83 16.41 -23.92
CA ASN B 64 -15.38 17.37 -24.86
C ASN B 64 -16.45 18.20 -24.17
N GLY B 65 -16.38 18.27 -22.84
CA GLY B 65 -17.32 19.08 -22.08
C GLY B 65 -18.69 18.55 -21.75
N ASP B 66 -19.30 19.17 -20.73
CA ASP B 66 -20.64 18.85 -20.24
C ASP B 66 -21.30 20.18 -19.87
N GLY B 67 -22.62 20.24 -20.00
CA GLY B 67 -23.33 21.45 -19.64
C GLY B 67 -22.80 22.70 -20.34
N THR B 68 -22.44 23.70 -19.54
CA THR B 68 -21.93 24.95 -20.08
C THR B 68 -20.65 24.80 -20.91
N GLY B 69 -19.85 23.78 -20.63
CA GLY B 69 -18.63 23.59 -21.39
C GLY B 69 -18.73 22.65 -22.57
N ARG B 70 -19.94 22.16 -22.85
CA ARG B 70 -20.14 21.22 -23.94
C ARG B 70 -19.52 21.65 -25.28
N GLY B 71 -18.63 20.81 -25.79
CA GLY B 71 -17.98 21.08 -27.06
C GLY B 71 -16.89 22.13 -27.08
N THR B 72 -16.69 22.84 -25.98
CA THR B 72 -15.68 23.89 -25.95
C THR B 72 -14.64 23.74 -24.85
N HIS B 73 -15.04 23.08 -23.76
CA HIS B 73 -14.16 22.92 -22.61
C HIS B 73 -14.03 21.49 -22.13
N LEU B 74 -12.98 21.28 -21.36
CA LEU B 74 -12.71 20.01 -20.72
C LEU B 74 -13.46 20.20 -19.41
N SER B 75 -14.46 19.37 -19.15
CA SER B 75 -15.23 19.51 -17.91
C SER B 75 -14.74 18.46 -16.92
N LEU B 76 -14.29 18.92 -15.75
CA LEU B 76 -13.76 18.03 -14.73
C LEU B 76 -14.55 18.13 -13.44
N PHE B 77 -14.97 16.98 -12.90
CA PHE B 77 -15.74 16.96 -11.67
C PHE B 77 -15.18 16.06 -10.58
N PHE B 78 -15.61 16.32 -9.35
CA PHE B 78 -15.19 15.58 -8.16
C PHE B 78 -16.38 14.72 -7.74
N VAL B 79 -16.10 13.50 -7.29
CA VAL B 79 -17.17 12.60 -6.88
C VAL B 79 -16.95 11.99 -5.50
N VAL B 80 -17.97 12.10 -4.64
CA VAL B 80 -17.89 11.49 -3.32
C VAL B 80 -18.54 10.12 -3.50
N MET B 81 -17.83 9.07 -3.14
CA MET B 81 -18.34 7.71 -3.28
C MET B 81 -18.65 7.08 -1.94
N LYS B 82 -19.47 6.04 -1.96
CA LYS B 82 -19.81 5.34 -0.74
C LYS B 82 -18.55 4.63 -0.31
N GLY B 83 -18.05 4.99 0.87
CA GLY B 83 -16.84 4.38 1.39
C GLY B 83 -17.20 3.34 2.44
N PRO B 84 -16.31 2.37 2.69
CA PRO B 84 -16.53 1.30 3.67
C PRO B 84 -16.58 1.79 5.12
N ASN B 85 -16.19 3.04 5.33
CA ASN B 85 -16.16 3.62 6.68
C ASN B 85 -17.03 4.87 6.87
N ASP B 86 -17.94 5.12 5.94
CA ASP B 86 -18.78 6.31 6.02
C ASP B 86 -19.49 6.52 7.36
N ALA B 87 -19.79 5.43 8.06
CA ALA B 87 -20.48 5.51 9.35
C ALA B 87 -19.65 6.21 10.42
N LEU B 88 -18.33 6.23 10.23
CA LEU B 88 -17.43 6.85 11.19
C LEU B 88 -17.01 8.26 10.78
N LEU B 89 -17.37 8.67 9.57
CA LEU B 89 -16.99 9.99 9.07
C LEU B 89 -18.03 11.08 9.31
N ARG B 90 -17.56 12.32 9.31
CA ARG B 90 -18.43 13.48 9.51
C ARG B 90 -19.07 13.87 8.18
N TRP B 91 -20.37 14.18 8.23
CA TRP B 91 -21.08 14.60 7.04
C TRP B 91 -21.88 15.87 7.30
N PRO B 92 -22.09 16.69 6.26
CA PRO B 92 -21.63 16.47 4.88
C PRO B 92 -20.13 16.65 4.70
N PHE B 93 -19.63 16.16 3.57
CA PHE B 93 -18.22 16.30 3.20
C PHE B 93 -17.98 17.80 3.08
N ASN B 94 -16.90 18.28 3.71
CA ASN B 94 -16.63 19.71 3.71
C ASN B 94 -15.14 20.04 3.56
N GLN B 95 -14.46 19.34 2.65
CA GLN B 95 -13.04 19.58 2.42
C GLN B 95 -12.83 20.30 1.09
N LYS B 96 -11.93 21.28 1.08
CA LYS B 96 -11.64 22.01 -0.15
C LYS B 96 -10.99 21.04 -1.15
N VAL B 97 -11.32 21.21 -2.42
CA VAL B 97 -10.78 20.35 -3.46
C VAL B 97 -10.07 21.15 -4.55
N THR B 98 -8.83 20.75 -4.87
CA THR B 98 -8.07 21.41 -5.90
C THR B 98 -7.93 20.45 -7.08
N LEU B 99 -8.09 20.97 -8.29
CA LEU B 99 -8.01 20.17 -9.51
C LEU B 99 -7.01 20.80 -10.48
N MET B 100 -6.21 19.95 -11.14
CA MET B 100 -5.21 20.45 -12.06
C MET B 100 -4.99 19.59 -13.29
N LEU B 101 -4.65 20.25 -14.40
CA LEU B 101 -4.30 19.57 -15.64
C LEU B 101 -2.82 19.90 -15.68
N LEU B 102 -1.97 18.89 -15.54
CA LEU B 102 -0.54 19.11 -15.51
C LEU B 102 0.15 19.39 -16.83
N ASP B 103 0.94 20.46 -16.83
CA ASP B 103 1.69 20.82 -18.01
C ASP B 103 2.94 19.95 -17.92
N GLN B 104 3.13 19.08 -18.91
CA GLN B 104 4.27 18.19 -18.90
C GLN B 104 5.60 18.90 -19.13
N ASN B 105 5.53 20.21 -19.37
CA ASN B 105 6.73 21.04 -19.53
C ASN B 105 6.94 21.59 -18.13
N ASN B 106 5.96 21.34 -17.27
CA ASN B 106 5.98 21.76 -15.88
C ASN B 106 6.14 23.28 -15.73
N ARG B 107 5.46 24.03 -16.59
CA ARG B 107 5.53 25.48 -16.55
C ARG B 107 4.18 26.14 -16.26
N GLU B 108 3.18 25.83 -17.07
CA GLU B 108 1.86 26.42 -16.88
C GLU B 108 0.78 25.37 -16.68
N HIS B 109 0.55 24.99 -15.43
CA HIS B 109 -0.46 24.00 -15.09
C HIS B 109 -1.83 24.68 -15.04
N VAL B 110 -2.87 23.99 -15.48
CA VAL B 110 -4.19 24.56 -15.37
C VAL B 110 -4.66 24.18 -13.98
N ILE B 111 -5.09 25.17 -13.21
CA ILE B 111 -5.53 24.90 -11.85
C ILE B 111 -6.81 25.63 -11.45
N ASP B 112 -7.66 24.94 -10.69
CA ASP B 112 -8.89 25.53 -10.19
C ASP B 112 -9.17 24.84 -8.86
N ALA B 113 -10.06 25.42 -8.07
CA ALA B 113 -10.39 24.85 -6.76
C ALA B 113 -11.76 25.31 -6.33
N PHE B 114 -12.35 24.57 -5.41
CA PHE B 114 -13.68 24.92 -4.91
C PHE B 114 -13.87 24.32 -3.54
N ARG B 115 -14.78 24.92 -2.77
CA ARG B 115 -15.11 24.39 -1.46
C ARG B 115 -16.50 23.80 -1.64
N PRO B 116 -16.74 22.62 -1.05
CA PRO B 116 -18.05 22.00 -1.18
C PRO B 116 -19.22 22.85 -0.68
N ASP B 117 -20.35 22.72 -1.36
CA ASP B 117 -21.56 23.41 -0.96
C ASP B 117 -22.26 22.40 -0.05
N VAL B 118 -22.12 22.58 1.27
CA VAL B 118 -22.71 21.67 2.24
C VAL B 118 -24.19 21.34 2.09
N THR B 119 -24.94 22.18 1.37
CA THR B 119 -26.36 21.93 1.19
C THR B 119 -26.64 21.07 -0.03
N SER B 120 -25.61 20.81 -0.83
CA SER B 120 -25.78 20.00 -2.02
C SER B 120 -25.81 18.50 -1.74
N SER B 121 -26.58 17.78 -2.55
CA SER B 121 -26.70 16.34 -2.44
C SER B 121 -25.36 15.69 -2.79
N SER B 122 -24.50 16.44 -3.48
CA SER B 122 -23.20 15.94 -3.89
C SER B 122 -22.29 15.65 -2.71
N PHE B 123 -22.54 16.28 -1.57
CA PHE B 123 -21.66 16.09 -0.42
C PHE B 123 -22.28 15.49 0.83
N GLN B 124 -23.47 14.91 0.70
CA GLN B 124 -24.13 14.27 1.82
C GLN B 124 -23.64 12.83 1.88
N ARG B 125 -23.82 12.15 2.99
CA ARG B 125 -23.37 10.76 3.05
C ARG B 125 -24.04 9.98 1.93
N PRO B 126 -23.24 9.28 1.12
CA PRO B 126 -23.72 8.48 -0.01
C PRO B 126 -24.74 7.39 0.32
N VAL B 127 -25.81 7.34 -0.48
CA VAL B 127 -26.85 6.33 -0.33
C VAL B 127 -26.59 5.29 -1.41
N ASN B 128 -26.13 5.78 -2.57
CA ASN B 128 -25.80 4.92 -3.71
C ASN B 128 -24.28 4.83 -3.83
N ASP B 129 -23.81 4.08 -4.82
CA ASP B 129 -22.37 3.91 -5.01
C ASP B 129 -21.63 5.24 -5.13
N MET B 130 -22.26 6.19 -5.82
CA MET B 130 -21.68 7.51 -6.04
C MET B 130 -22.72 8.62 -5.90
N ASN B 131 -22.30 9.76 -5.35
CA ASN B 131 -23.21 10.89 -5.27
C ASN B 131 -23.05 11.59 -6.60
N ILE B 132 -23.92 12.55 -6.87
CA ILE B 132 -23.84 13.33 -8.09
C ILE B 132 -22.56 14.15 -8.00
N ALA B 133 -21.82 14.20 -9.09
CA ALA B 133 -20.56 14.94 -9.13
C ALA B 133 -20.75 16.45 -9.20
N SER B 134 -19.76 17.18 -8.74
CA SER B 134 -19.82 18.62 -8.83
C SER B 134 -18.38 19.09 -9.02
N GLY B 135 -18.23 20.20 -9.73
CA GLY B 135 -16.90 20.67 -9.98
C GLY B 135 -16.82 21.83 -10.94
N CYS B 136 -16.03 21.66 -11.99
CA CYS B 136 -15.78 22.72 -12.94
C CYS B 136 -16.13 22.40 -14.39
N PRO B 137 -17.34 22.76 -14.84
CA PRO B 137 -17.78 22.49 -16.22
C PRO B 137 -16.91 23.20 -17.24
N LEU B 138 -16.26 24.29 -16.83
CA LEU B 138 -15.39 25.06 -17.72
C LEU B 138 -13.97 25.03 -17.19
N PHE B 139 -13.48 23.83 -16.90
CA PHE B 139 -12.14 23.66 -16.35
C PHE B 139 -11.01 24.11 -17.26
N CYS B 140 -11.07 23.73 -18.53
CA CYS B 140 -10.03 24.09 -19.47
C CYS B 140 -10.54 24.10 -20.92
N PRO B 141 -10.26 25.17 -21.66
CA PRO B 141 -10.71 25.25 -23.05
C PRO B 141 -10.05 24.14 -23.86
N VAL B 142 -10.83 23.47 -24.70
CA VAL B 142 -10.30 22.39 -25.53
C VAL B 142 -9.12 22.90 -26.35
N SER B 143 -9.20 24.15 -26.78
CA SER B 143 -8.13 24.74 -27.58
C SER B 143 -6.83 24.73 -26.80
N LYS B 144 -6.89 25.08 -25.51
CA LYS B 144 -5.70 25.12 -24.69
C LYS B 144 -5.06 23.75 -24.54
N MET B 145 -5.84 22.76 -24.12
CA MET B 145 -5.28 21.42 -23.97
C MET B 145 -5.21 20.81 -25.36
N GLU B 146 -5.86 19.66 -25.53
CA GLU B 146 -5.92 18.92 -26.79
C GLU B 146 -5.01 19.47 -27.88
N ALA B 147 -5.42 20.58 -28.49
CA ALA B 147 -4.67 21.24 -29.56
C ALA B 147 -3.19 20.84 -29.55
N LYS B 148 -2.41 21.54 -28.74
CA LYS B 148 -0.99 21.24 -28.64
C LYS B 148 -0.52 21.48 -27.23
N ASN B 149 0.27 22.53 -27.05
CA ASN B 149 0.80 22.86 -25.74
C ASN B 149 1.56 21.65 -25.20
N SER B 150 1.85 21.67 -23.90
CA SER B 150 2.57 20.57 -23.30
C SER B 150 1.70 19.74 -22.36
N TYR B 151 0.38 19.84 -22.53
CA TYR B 151 -0.51 19.07 -21.67
C TYR B 151 -0.60 17.65 -22.20
N VAL B 152 -0.74 17.52 -23.53
CA VAL B 152 -0.80 16.21 -24.15
C VAL B 152 0.60 15.87 -24.64
N ARG B 153 1.17 14.81 -24.10
CA ARG B 153 2.50 14.37 -24.43
C ARG B 153 2.45 12.86 -24.61
N ASP B 154 2.96 12.36 -25.74
CA ASP B 154 2.94 10.94 -26.03
C ASP B 154 1.55 10.36 -25.84
N ASP B 155 0.56 11.08 -26.36
CA ASP B 155 -0.84 10.66 -26.32
C ASP B 155 -1.38 10.36 -24.92
N ALA B 156 -1.05 11.23 -23.97
CA ALA B 156 -1.51 11.05 -22.60
C ALA B 156 -1.52 12.37 -21.85
N ILE B 157 -2.43 12.50 -20.89
CA ILE B 157 -2.51 13.70 -20.07
C ILE B 157 -2.54 13.27 -18.62
N PHE B 158 -2.21 14.20 -17.72
CA PHE B 158 -2.20 13.93 -16.30
C PHE B 158 -3.10 14.93 -15.59
N ILE B 159 -4.03 14.41 -14.80
CA ILE B 159 -4.96 15.22 -14.04
C ILE B 159 -4.57 14.99 -12.58
N LYS B 160 -4.47 16.06 -11.81
CA LYS B 160 -4.11 15.91 -10.41
C LYS B 160 -5.19 16.50 -9.51
N ALA B 161 -5.49 15.80 -8.43
CA ALA B 161 -6.48 16.29 -7.48
C ALA B 161 -5.85 16.33 -6.09
N ILE B 162 -6.15 17.39 -5.36
CA ILE B 162 -5.62 17.54 -4.00
C ILE B 162 -6.78 17.89 -3.08
N VAL B 163 -7.11 16.98 -2.18
CA VAL B 163 -8.19 17.22 -1.24
C VAL B 163 -7.57 17.76 0.05
N ASP B 164 -7.95 18.96 0.44
CA ASP B 164 -7.40 19.55 1.64
C ASP B 164 -7.81 18.72 2.86
N LEU B 165 -6.85 18.42 3.72
CA LEU B 165 -7.12 17.60 4.89
C LEU B 165 -7.34 18.38 6.18
N THR B 166 -7.39 19.71 6.09
CA THR B 166 -7.62 20.53 7.27
C THR B 166 -8.86 20.08 8.02
N GLY B 167 -8.70 19.88 9.34
CA GLY B 167 -9.82 19.45 10.15
C GLY B 167 -9.97 17.94 10.22
N LEU B 168 -9.19 17.24 9.40
CA LEU B 168 -9.23 15.76 9.36
C LEU B 168 -8.01 15.15 10.04
N ALA C 1 -7.55 -22.00 -9.06
CA ALA C 1 -7.24 -21.60 -7.66
C ALA C 1 -7.51 -20.12 -7.46
N MET C 2 -8.69 -19.68 -7.92
CA MET C 2 -9.07 -18.29 -7.81
C MET C 2 -9.33 -17.88 -6.36
N ALA C 3 -9.67 -18.85 -5.52
CA ALA C 3 -9.93 -18.54 -4.11
C ALA C 3 -8.64 -18.13 -3.40
N ASP C 4 -7.53 -18.69 -3.83
CA ASP C 4 -6.24 -18.36 -3.22
C ASP C 4 -5.85 -16.95 -3.61
N LEU C 5 -6.12 -16.58 -4.86
CA LEU C 5 -5.80 -15.24 -5.33
C LEU C 5 -6.68 -14.23 -4.62
N GLU C 6 -7.97 -14.54 -4.53
CA GLU C 6 -8.93 -13.66 -3.87
C GLU C 6 -8.48 -13.42 -2.44
N GLN C 7 -8.10 -14.49 -1.74
CA GLN C 7 -7.66 -14.37 -0.36
C GLN C 7 -6.49 -13.39 -0.27
N LYS C 8 -5.53 -13.55 -1.18
CA LYS C 8 -4.36 -12.68 -1.21
C LYS C 8 -4.76 -11.24 -1.48
N VAL C 9 -5.68 -11.05 -2.42
CA VAL C 9 -6.14 -9.71 -2.77
C VAL C 9 -6.82 -9.04 -1.58
N LEU C 10 -7.72 -9.76 -0.92
CA LEU C 10 -8.42 -9.19 0.23
C LEU C 10 -7.50 -8.86 1.40
N GLU C 11 -6.46 -9.67 1.58
CA GLU C 11 -5.50 -9.45 2.65
C GLU C 11 -4.69 -8.19 2.36
N MET C 12 -4.21 -8.08 1.12
CA MET C 12 -3.45 -6.91 0.70
C MET C 12 -4.31 -5.67 0.84
N GLU C 13 -5.56 -5.77 0.39
CA GLU C 13 -6.50 -4.67 0.45
C GLU C 13 -6.73 -4.15 1.88
N ALA C 14 -6.72 -5.07 2.85
CA ALA C 14 -6.94 -4.73 4.25
C ALA C 14 -5.71 -4.33 5.05
N SER C 15 -4.54 -4.71 4.54
CA SER C 15 -3.28 -4.43 5.25
C SER C 15 -2.96 -2.97 5.49
N THR C 16 -2.35 -2.70 6.65
CA THR C 16 -1.90 -1.34 7.00
C THR C 16 -0.47 -1.54 7.51
N TYR C 17 0.36 -0.52 7.41
CA TYR C 17 1.73 -0.66 7.86
C TYR C 17 2.19 0.41 8.85
N ASP C 18 1.27 0.86 9.70
CA ASP C 18 1.62 1.87 10.69
C ASP C 18 1.12 1.49 12.08
N GLY C 19 0.82 0.20 12.28
CA GLY C 19 0.37 -0.25 13.57
C GLY C 19 -1.05 0.13 13.94
N VAL C 20 -1.78 0.76 13.03
CA VAL C 20 -3.16 1.15 13.29
C VAL C 20 -4.07 0.36 12.35
N PHE C 21 -5.06 -0.30 12.93
CA PHE C 21 -5.97 -1.13 12.15
C PHE C 21 -7.42 -0.97 12.58
N ILE C 22 -8.31 -0.82 11.60
CA ILE C 22 -9.75 -0.71 11.88
C ILE C 22 -10.40 -1.87 11.16
N TRP C 23 -11.01 -2.76 11.95
CA TRP C 23 -11.65 -3.97 11.43
C TRP C 23 -13.16 -3.88 11.45
N LYS C 24 -13.75 -3.84 10.25
CA LYS C 24 -15.19 -3.75 10.13
C LYS C 24 -15.79 -5.15 10.03
N ILE C 25 -16.60 -5.50 11.03
CA ILE C 25 -17.25 -6.80 11.06
C ILE C 25 -18.71 -6.66 10.65
N SER C 26 -19.01 -7.07 9.41
CA SER C 26 -20.36 -7.01 8.88
C SER C 26 -21.12 -8.28 9.23
N ASP C 27 -22.41 -8.31 8.90
CA ASP C 27 -23.24 -9.46 9.20
C ASP C 27 -23.11 -9.82 10.66
N PHE C 28 -23.12 -8.78 11.50
CA PHE C 28 -22.98 -8.93 12.94
C PHE C 28 -23.96 -9.88 13.60
N PRO C 29 -25.26 -9.70 13.34
CA PRO C 29 -26.29 -10.55 13.92
C PRO C 29 -26.04 -12.03 13.66
N ARG C 30 -25.77 -12.37 12.41
CA ARG C 30 -25.51 -13.75 12.04
C ARG C 30 -24.27 -14.30 12.74
N LYS C 31 -23.15 -13.60 12.61
CA LYS C 31 -21.91 -14.05 13.22
C LYS C 31 -22.07 -14.15 14.74
N ARG C 32 -22.80 -13.20 15.29
CA ARG C 32 -23.04 -13.16 16.72
C ARG C 32 -23.77 -14.44 17.13
N GLN C 33 -24.80 -14.80 16.38
CA GLN C 33 -25.57 -15.99 16.69
C GLN C 33 -24.76 -17.27 16.48
N GLU C 34 -23.92 -17.30 15.46
CA GLU C 34 -23.09 -18.47 15.17
C GLU C 34 -22.14 -18.73 16.33
N ALA C 35 -21.85 -17.67 17.08
CA ALA C 35 -20.97 -17.76 18.23
C ALA C 35 -21.76 -18.28 19.41
N VAL C 36 -22.93 -17.69 19.63
CA VAL C 36 -23.80 -18.11 20.72
C VAL C 36 -24.18 -19.58 20.60
N ALA C 37 -24.34 -20.06 19.37
CA ALA C 37 -24.69 -21.45 19.12
C ALA C 37 -23.48 -22.36 19.32
N GLY C 38 -22.30 -21.75 19.34
CA GLY C 38 -21.08 -22.53 19.53
C GLY C 38 -20.55 -23.12 18.24
N ARG C 39 -21.13 -22.72 17.11
CA ARG C 39 -20.72 -23.21 15.80
C ARG C 39 -19.42 -22.53 15.34
N ILE C 40 -19.34 -21.21 15.54
CA ILE C 40 -18.14 -20.46 15.17
C ILE C 40 -17.83 -19.55 16.35
N PRO C 41 -17.07 -20.04 17.34
CA PRO C 41 -16.69 -19.29 18.54
C PRO C 41 -15.88 -18.02 18.28
N ALA C 42 -14.91 -18.11 17.38
CA ALA C 42 -14.07 -16.96 17.10
C ALA C 42 -13.89 -16.64 15.62
N ILE C 43 -13.37 -15.44 15.36
CA ILE C 43 -13.12 -14.95 14.01
C ILE C 43 -11.77 -14.23 14.01
N PHE C 44 -10.94 -14.53 13.01
CA PHE C 44 -9.66 -13.86 12.87
C PHE C 44 -9.84 -12.69 11.91
N SER C 45 -9.10 -11.61 12.14
CA SER C 45 -9.18 -10.44 11.27
C SER C 45 -8.05 -10.55 10.25
N PRO C 46 -8.09 -9.67 9.22
CA PRO C 46 -7.02 -9.69 8.21
C PRO C 46 -5.75 -9.26 8.96
N ALA C 47 -4.59 -9.35 8.32
CA ALA C 47 -3.34 -8.97 8.96
C ALA C 47 -2.95 -7.51 8.76
N PHE C 48 -2.13 -6.98 9.67
CA PHE C 48 -1.62 -5.62 9.56
C PHE C 48 -0.23 -5.62 10.16
N TYR C 49 0.54 -4.56 9.90
CA TYR C 49 1.93 -4.49 10.35
C TYR C 49 2.32 -3.21 11.10
N THR C 50 3.41 -3.30 11.85
CA THR C 50 3.92 -2.17 12.62
C THR C 50 4.67 -1.19 11.70
N SER C 51 5.16 -1.71 10.57
CA SER C 51 5.86 -0.89 9.57
C SER C 51 5.86 -1.68 8.28
N ARG C 52 6.38 -1.09 7.19
CA ARG C 52 6.39 -1.79 5.92
C ARG C 52 7.00 -3.19 6.04
N TYR C 53 8.02 -3.31 6.87
CA TYR C 53 8.67 -4.61 7.06
C TYR C 53 8.75 -4.94 8.54
N GLY C 54 7.69 -4.61 9.29
CA GLY C 54 7.67 -4.87 10.72
C GLY C 54 6.97 -6.18 11.10
N TYR C 55 6.52 -6.26 12.34
CA TYR C 55 5.83 -7.45 12.82
C TYR C 55 4.51 -7.63 12.07
N LYS C 56 4.11 -8.88 11.90
CA LYS C 56 2.85 -9.19 11.23
C LYS C 56 1.88 -9.55 12.35
N MET C 57 0.68 -8.96 12.33
CA MET C 57 -0.28 -9.19 13.39
C MET C 57 -1.71 -9.28 12.88
N CYS C 58 -2.60 -9.78 13.72
CA CYS C 58 -4.02 -9.82 13.39
C CYS C 58 -4.76 -9.86 14.72
N LEU C 59 -6.08 -9.83 14.67
CA LEU C 59 -6.86 -9.85 15.89
C LEU C 59 -7.77 -11.06 15.87
N ARG C 60 -8.17 -11.49 17.06
CA ARG C 60 -9.08 -12.62 17.20
C ARG C 60 -10.17 -12.25 18.18
N ILE C 61 -11.41 -12.29 17.73
CA ILE C 61 -12.53 -11.94 18.58
C ILE C 61 -13.49 -13.12 18.78
N TYR C 62 -14.16 -13.13 19.92
CA TYR C 62 -15.17 -14.14 20.25
C TYR C 62 -16.41 -13.34 20.57
N LEU C 63 -17.36 -13.30 19.64
CA LEU C 63 -18.56 -12.52 19.85
C LEU C 63 -19.39 -12.94 21.06
N ASN C 64 -19.12 -14.13 21.60
CA ASN C 64 -19.87 -14.55 22.78
C ASN C 64 -18.92 -14.92 23.92
N GLY C 65 -17.70 -14.39 23.84
CA GLY C 65 -16.71 -14.60 24.88
C GLY C 65 -15.87 -15.85 24.91
N ASP C 66 -14.73 -15.74 25.59
CA ASP C 66 -13.80 -16.85 25.76
C ASP C 66 -13.27 -16.86 27.19
N GLY C 67 -13.00 -18.05 27.72
CA GLY C 67 -12.48 -18.17 29.07
C GLY C 67 -13.35 -17.51 30.13
N THR C 68 -12.77 -16.58 30.88
CA THR C 68 -13.50 -15.88 31.94
C THR C 68 -14.66 -15.04 31.42
N GLY C 69 -14.65 -14.76 30.12
CA GLY C 69 -15.72 -13.95 29.54
C GLY C 69 -16.74 -14.74 28.75
N ARG C 70 -16.59 -16.06 28.72
CA ARG C 70 -17.50 -16.92 27.96
C ARG C 70 -18.95 -16.72 28.37
N GLY C 71 -19.80 -16.46 27.38
CA GLY C 71 -21.22 -16.27 27.62
C GLY C 71 -21.65 -14.92 28.17
N THR C 72 -20.71 -14.09 28.60
CA THR C 72 -21.06 -12.79 29.16
C THR C 72 -20.39 -11.60 28.49
N HIS C 73 -19.21 -11.82 27.92
CA HIS C 73 -18.49 -10.72 27.28
C HIS C 73 -18.02 -10.94 25.85
N LEU C 74 -17.69 -9.83 25.20
CA LEU C 74 -17.12 -9.85 23.88
C LEU C 74 -15.66 -10.00 24.27
N SER C 75 -15.00 -11.06 23.83
CA SER C 75 -13.59 -11.27 24.18
C SER C 75 -12.76 -10.93 22.94
N LEU C 76 -11.77 -10.08 23.12
CA LEU C 76 -10.93 -9.63 22.00
C LEU C 76 -9.46 -9.88 22.29
N PHE C 77 -8.79 -10.54 21.35
CA PHE C 77 -7.36 -10.85 21.52
C PHE C 77 -6.49 -10.36 20.37
N PHE C 78 -5.20 -10.24 20.67
CA PHE C 78 -4.17 -9.80 19.73
C PHE C 78 -3.36 -11.04 19.34
N VAL C 79 -2.95 -11.11 18.08
CA VAL C 79 -2.19 -12.25 17.59
C VAL C 79 -0.91 -11.88 16.86
N VAL C 80 0.21 -12.46 17.28
CA VAL C 80 1.48 -12.22 16.61
C VAL C 80 1.59 -13.33 15.57
N MET C 81 1.74 -12.95 14.30
CA MET C 81 1.83 -13.93 13.22
C MET C 81 3.27 -14.05 12.70
N LYS C 82 3.54 -15.15 12.00
CA LYS C 82 4.86 -15.33 11.42
C LYS C 82 4.95 -14.36 10.25
N GLY C 83 5.82 -13.37 10.40
CA GLY C 83 6.01 -12.38 9.36
C GLY C 83 7.19 -12.72 8.47
N PRO C 84 7.20 -12.23 7.22
CA PRO C 84 8.29 -12.49 6.27
C PRO C 84 9.64 -11.92 6.68
N ASN C 85 9.63 -10.99 7.64
CA ASN C 85 10.85 -10.35 8.09
C ASN C 85 11.23 -10.59 9.55
N ASP C 86 10.58 -11.55 10.19
CA ASP C 86 10.84 -11.86 11.60
C ASP C 86 12.31 -11.96 11.98
N ALA C 87 13.15 -12.44 11.06
CA ALA C 87 14.58 -12.58 11.35
C ALA C 87 15.26 -11.24 11.60
N LEU C 88 14.66 -10.15 11.12
CA LEU C 88 15.25 -8.81 11.29
C LEU C 88 14.66 -8.07 12.48
N LEU C 89 13.66 -8.68 13.12
CA LEU C 89 12.97 -8.07 14.25
C LEU C 89 13.45 -8.50 15.62
N ARG C 90 13.18 -7.67 16.62
CA ARG C 90 13.56 -7.94 18.00
C ARG C 90 12.51 -8.82 18.66
N TRP C 91 12.97 -9.83 19.40
CA TRP C 91 12.06 -10.73 20.08
C TRP C 91 12.48 -10.91 21.52
N PRO C 92 11.51 -11.12 22.42
CA PRO C 92 10.08 -11.20 22.14
C PRO C 92 9.41 -9.86 21.79
N PHE C 93 8.19 -9.93 21.28
CA PHE C 93 7.40 -8.76 20.92
C PHE C 93 7.17 -7.99 22.23
N ASN C 94 7.42 -6.70 22.22
CA ASN C 94 7.27 -5.93 23.44
C ASN C 94 6.66 -4.54 23.20
N GLN C 95 5.65 -4.47 22.36
CA GLN C 95 4.99 -3.20 22.07
C GLN C 95 3.62 -3.15 22.74
N LYS C 96 3.28 -1.98 23.27
CA LYS C 96 1.99 -1.81 23.92
C LYS C 96 0.90 -1.92 22.85
N VAL C 97 -0.22 -2.54 23.23
CA VAL C 97 -1.34 -2.72 22.32
C VAL C 97 -2.64 -2.16 22.90
N THR C 98 -3.27 -1.25 22.17
CA THR C 98 -4.54 -0.66 22.59
C THR C 98 -5.64 -1.23 21.69
N LEU C 99 -6.73 -1.68 22.30
CA LEU C 99 -7.85 -2.28 21.58
C LEU C 99 -9.11 -1.47 21.83
N MET C 100 -9.93 -1.30 20.79
CA MET C 100 -11.15 -0.50 20.92
C MET C 100 -12.34 -1.07 20.16
N LEU C 101 -13.53 -0.84 20.72
CA LEU C 101 -14.79 -1.18 20.09
C LEU C 101 -15.32 0.22 19.89
N LEU C 102 -15.36 0.67 18.65
CA LEU C 102 -15.77 2.03 18.34
C LEU C 102 -17.25 2.34 18.45
N ASP C 103 -17.53 3.42 19.17
CA ASP C 103 -18.90 3.90 19.30
C ASP C 103 -19.11 4.61 17.97
N GLN C 104 -20.12 4.20 17.21
CA GLN C 104 -20.33 4.86 15.94
C GLN C 104 -20.87 6.27 16.05
N ASN C 105 -21.15 6.72 17.28
CA ASN C 105 -21.59 8.10 17.51
C ASN C 105 -20.31 8.87 17.83
N ASN C 106 -19.22 8.12 17.98
CA ASN C 106 -17.90 8.67 18.28
C ASN C 106 -17.86 9.41 19.61
N ARG C 107 -18.56 8.89 20.61
CA ARG C 107 -18.58 9.53 21.92
C ARG C 107 -18.01 8.65 23.01
N GLU C 108 -18.54 7.43 23.13
CA GLU C 108 -18.09 6.52 24.18
C GLU C 108 -17.50 5.22 23.66
N HIS C 109 -16.23 5.26 23.27
CA HIS C 109 -15.60 4.05 22.77
C HIS C 109 -15.25 3.14 23.94
N VAL C 110 -15.30 1.84 23.72
CA VAL C 110 -14.90 0.92 24.77
C VAL C 110 -13.42 0.73 24.51
N ILE C 111 -12.59 1.00 25.51
CA ILE C 111 -11.16 0.87 25.32
C ILE C 111 -10.41 0.13 26.43
N ASP C 112 -9.41 -0.62 26.02
CA ASP C 112 -8.55 -1.33 26.96
C ASP C 112 -7.19 -1.42 26.29
N ALA C 113 -6.18 -1.80 27.05
CA ALA C 113 -4.83 -1.90 26.51
C ALA C 113 -4.02 -2.81 27.41
N PHE C 114 -2.87 -3.24 26.90
CA PHE C 114 -1.98 -4.10 27.68
C PHE C 114 -0.59 -4.04 27.09
N ARG C 115 0.40 -4.37 27.91
CA ARG C 115 1.77 -4.45 27.46
C ARG C 115 2.06 -5.93 27.49
N PRO C 116 2.80 -6.43 26.49
CA PRO C 116 3.12 -7.85 26.42
C PRO C 116 3.83 -8.44 27.63
N ASP C 117 3.52 -9.70 27.90
CA ASP C 117 4.19 -10.42 28.97
C ASP C 117 5.32 -11.13 28.24
N VAL C 118 6.51 -10.55 28.33
CA VAL C 118 7.71 -11.04 27.68
C VAL C 118 8.02 -12.54 27.81
N THR C 119 7.50 -13.18 28.85
CA THR C 119 7.75 -14.60 29.06
C THR C 119 6.68 -15.50 28.46
N SER C 120 5.61 -14.91 27.96
CA SER C 120 4.52 -15.67 27.37
C SER C 120 4.85 -16.16 25.96
N SER C 121 4.39 -17.37 25.64
CA SER C 121 4.62 -17.95 24.32
C SER C 121 3.89 -17.12 23.25
N SER C 122 2.96 -16.29 23.69
CA SER C 122 2.20 -15.46 22.78
C SER C 122 3.05 -14.39 22.11
N PHE C 123 4.17 -14.05 22.73
CA PHE C 123 5.02 -12.99 22.19
C PHE C 123 6.42 -13.38 21.77
N GLN C 124 6.67 -14.67 21.59
CA GLN C 124 7.98 -15.14 21.16
C GLN C 124 7.97 -15.16 19.63
N ARG C 125 9.14 -15.26 19.01
CA ARG C 125 9.17 -15.30 17.57
C ARG C 125 8.37 -16.52 17.13
N PRO C 126 7.39 -16.32 16.23
CA PRO C 126 6.55 -17.40 15.74
C PRO C 126 7.27 -18.57 15.06
N VAL C 127 6.91 -19.78 15.49
CA VAL C 127 7.46 -21.00 14.90
C VAL C 127 6.38 -21.48 13.94
N ASN C 128 5.13 -21.26 14.32
CA ASN C 128 3.99 -21.64 13.51
C ASN C 128 3.45 -20.40 12.81
N ASP C 129 2.37 -20.58 12.06
CA ASP C 129 1.75 -19.48 11.32
C ASP C 129 1.28 -18.38 12.28
N MET C 130 0.84 -18.79 13.47
CA MET C 130 0.35 -17.86 14.48
C MET C 130 0.71 -18.31 15.90
N ASN C 131 0.98 -17.35 16.77
CA ASN C 131 1.26 -17.67 18.16
C ASN C 131 -0.12 -17.70 18.82
N ILE C 132 -0.17 -18.17 20.06
CA ILE C 132 -1.43 -18.21 20.80
C ILE C 132 -1.88 -16.78 21.03
N ALA C 133 -3.17 -16.52 20.82
CA ALA C 133 -3.70 -15.18 21.00
C ALA C 133 -3.69 -14.77 22.47
N SER C 134 -3.50 -13.48 22.70
CA SER C 134 -3.44 -12.95 24.06
C SER C 134 -4.15 -11.60 24.09
N GLY C 135 -4.88 -11.34 25.15
CA GLY C 135 -5.59 -10.08 25.24
C GLY C 135 -6.57 -9.89 26.38
N CYS C 136 -7.79 -9.52 26.02
CA CYS C 136 -8.83 -9.21 26.98
C CYS C 136 -10.09 -10.06 26.91
N PRO C 137 -10.19 -11.09 27.77
CA PRO C 137 -11.35 -11.97 27.79
C PRO C 137 -12.62 -11.21 28.20
N LEU C 138 -12.44 -10.16 28.99
CA LEU C 138 -13.56 -9.35 29.46
C LEU C 138 -13.56 -7.99 28.80
N PHE C 139 -13.33 -7.95 27.50
CA PHE C 139 -13.26 -6.68 26.78
C PHE C 139 -14.51 -5.83 26.88
N CYS C 140 -15.66 -6.40 26.56
CA CYS C 140 -16.90 -5.65 26.59
C CYS C 140 -18.09 -6.56 26.92
N PRO C 141 -18.93 -6.17 27.89
CA PRO C 141 -20.09 -7.00 28.24
C PRO C 141 -21.03 -7.09 27.03
N VAL C 142 -21.52 -8.30 26.76
CA VAL C 142 -22.42 -8.50 25.64
C VAL C 142 -23.65 -7.60 25.72
N SER C 143 -24.05 -7.25 26.94
CA SER C 143 -25.19 -6.37 27.12
C SER C 143 -24.87 -5.00 26.57
N LYS C 144 -23.64 -4.54 26.80
CA LYS C 144 -23.21 -3.23 26.32
C LYS C 144 -23.18 -3.18 24.79
N MET C 145 -22.40 -4.06 24.17
CA MET C 145 -22.35 -4.06 22.71
C MET C 145 -23.66 -4.67 22.21
N GLU C 146 -23.56 -5.65 21.31
CA GLU C 146 -24.71 -6.35 20.75
C GLU C 146 -26.05 -5.67 21.03
N ALA C 147 -26.58 -5.89 22.23
CA ALA C 147 -27.87 -5.33 22.65
C ALA C 147 -28.31 -4.15 21.80
N LYS C 148 -27.92 -2.95 22.21
CA LYS C 148 -28.27 -1.75 21.48
C LYS C 148 -27.09 -0.79 21.42
N ASN C 149 -27.28 0.42 21.93
CA ASN C 149 -26.24 1.42 21.94
C ASN C 149 -25.89 1.76 20.50
N SER C 150 -24.76 2.46 20.31
CA SER C 150 -24.33 2.85 18.99
C SER C 150 -23.05 2.18 18.55
N TYR C 151 -22.82 0.97 19.05
CA TYR C 151 -21.64 0.20 18.66
C TYR C 151 -22.05 -0.62 17.45
N VAL C 152 -23.25 -1.16 17.50
CA VAL C 152 -23.78 -1.94 16.38
C VAL C 152 -24.71 -1.05 15.57
N ARG C 153 -24.32 -0.73 14.34
CA ARG C 153 -25.15 0.10 13.49
C ARG C 153 -25.17 -0.50 12.09
N ASP C 154 -26.38 -0.61 11.52
CA ASP C 154 -26.54 -1.20 10.20
C ASP C 154 -25.90 -2.59 10.17
N ASP C 155 -26.11 -3.33 11.24
CA ASP C 155 -25.60 -4.69 11.40
C ASP C 155 -24.09 -4.84 11.24
N ALA C 156 -23.34 -3.86 11.75
CA ALA C 156 -21.88 -3.91 11.65
C ALA C 156 -21.24 -3.20 12.83
N ILE C 157 -20.07 -3.67 13.23
CA ILE C 157 -19.34 -3.05 14.33
C ILE C 157 -17.92 -2.77 13.82
N PHE C 158 -17.23 -1.85 14.49
CA PHE C 158 -15.86 -1.54 14.11
C PHE C 158 -14.92 -1.74 15.28
N ILE C 159 -13.89 -2.55 15.05
CA ILE C 159 -12.87 -2.80 16.07
C ILE C 159 -11.63 -2.03 15.63
N LYS C 160 -10.96 -1.40 16.58
CA LYS C 160 -9.74 -0.66 16.25
C LYS C 160 -8.59 -1.09 17.16
N ALA C 161 -7.41 -1.23 16.55
CA ALA C 161 -6.22 -1.60 17.31
C ALA C 161 -5.13 -0.59 16.99
N ILE C 162 -4.39 -0.23 18.03
CA ILE C 162 -3.29 0.71 17.89
C ILE C 162 -2.09 0.09 18.57
N VAL C 163 -1.08 -0.26 17.77
CA VAL C 163 0.13 -0.84 18.33
C VAL C 163 1.14 0.28 18.49
N ASP C 164 1.54 0.51 19.74
CA ASP C 164 2.50 1.56 20.04
C ASP C 164 3.82 1.25 19.35
N LEU C 165 4.39 2.26 18.70
CA LEU C 165 5.63 2.08 17.95
C LEU C 165 6.91 2.55 18.64
N THR C 166 6.81 2.86 19.93
CA THR C 166 7.98 3.32 20.68
C THR C 166 9.10 2.29 20.61
N GLY C 167 10.29 2.74 20.24
CA GLY C 167 11.42 1.82 20.14
C GLY C 167 11.58 1.20 18.76
N LEU C 168 10.60 1.41 17.89
CA LEU C 168 10.64 0.86 16.53
C LEU C 168 10.87 1.98 15.51
N PRO D 2 29.18 5.08 -9.29
CA PRO D 2 28.68 3.72 -9.55
C PRO D 2 29.30 3.16 -10.83
N GLN D 3 29.37 1.83 -10.92
CA GLN D 3 29.89 1.15 -12.09
C GLN D 3 28.77 0.28 -12.65
N GLN D 4 28.68 0.21 -13.97
CA GLN D 4 27.64 -0.56 -14.64
C GLN D 4 27.89 -2.06 -14.65
N ALA D 5 26.80 -2.82 -14.65
CA ALA D 5 26.87 -4.28 -14.71
C ALA D 5 27.39 -4.62 -16.12
N THR D 6 27.93 -5.81 -16.30
CA THR D 6 28.46 -6.18 -17.61
C THR D 6 27.55 -6.93 -18.58
N ASP D 7 26.52 -7.59 -18.09
CA ASP D 7 25.65 -8.35 -18.99
C ASP D 7 24.16 -8.02 -19.02
N ASP D 8 23.78 -6.77 -18.74
CA ASP D 8 22.38 -6.41 -18.75
C ASP D 8 21.94 -5.66 -20.00
N PRO E 2 -1.83 -9.55 30.20
CA PRO E 2 -2.85 -10.04 29.25
C PRO E 2 -3.14 -11.51 29.48
N GLN E 3 -4.25 -11.99 28.93
CA GLN E 3 -4.63 -13.38 29.09
C GLN E 3 -4.72 -14.04 27.72
N GLN E 4 -4.22 -15.27 27.61
CA GLN E 4 -4.25 -16.00 26.35
C GLN E 4 -5.64 -16.60 26.11
N ALA E 5 -6.01 -16.79 24.84
CA ALA E 5 -7.30 -17.38 24.52
C ALA E 5 -7.22 -18.88 24.84
N THR E 6 -8.38 -19.51 25.09
CA THR E 6 -8.39 -20.92 25.45
C THR E 6 -8.42 -21.97 24.36
N ASP E 7 -8.67 -21.58 23.11
CA ASP E 7 -8.76 -22.61 22.12
C ASP E 7 -8.05 -22.22 20.88
N ASP E 8 -6.88 -21.61 21.01
CA ASP E 8 -6.20 -21.29 19.78
C ASP E 8 -4.94 -22.01 19.40
#